data_3P1Q
#
_entry.id   3P1Q
#
_cell.length_a   82.460
_cell.length_b   110.700
_cell.length_c   62.200
_cell.angle_alpha   90.00
_cell.angle_beta   90.00
_cell.angle_gamma   90.00
#
_symmetry.space_group_name_H-M   'C 2 2 21'
#
loop_
_entity.id
_entity.type
_entity.pdbx_description
1 polymer '14-3-3 protein sigma'
2 polymer '6-mer peptide from Potassium channel subfamily K member 9'
3 non-polymer FUSICOCCIN
4 non-polymer 'CHLORIDE ION'
5 non-polymer 'MAGNESIUM ION'
6 non-polymer 'CALCIUM ION'
7 water water
#
loop_
_entity_poly.entity_id
_entity_poly.type
_entity_poly.pdbx_seq_one_letter_code
_entity_poly.pdbx_strand_id
1 'polypeptide(L)'
;GAMGSMERASLIQKAKLAEQAERYEDMAAFMKGAVEKGEELSNEERNLLSVAYKNVVGGQRAAWRVLSSIEQKSNEEGSE
EKGPEVREYREKVETELQGVCDTVLGLLDSHLIKEAGDAESRVFYLKMKGDYYRYLAEVATGDDKKRIIDSARSAYQEAM
DISKKEMPPTHPIRLGLALNFSVFHYEIANSPEEAISLAKTTFDEAMADLHTLSEDSYKDSTLIMQLLRDNLTLWT
;
A
2 'polypeptide(L)' KRRK(SEP)V P
#
loop_
_chem_comp.id
_chem_comp.type
_chem_comp.name
_chem_comp.formula
CA non-polymer 'CALCIUM ION' 'Ca 2'
CL non-polymer 'CHLORIDE ION' 'Cl -1'
FSC non-polymer FUSICOCCIN 'C36 H56 O12'
MG non-polymer 'MAGNESIUM ION' 'Mg 2'
#
# COMPACT_ATOMS: atom_id res chain seq x y z
N GLY A 1 -20.05 -15.70 -2.78
CA GLY A 1 -20.66 -14.78 -3.76
C GLY A 1 -20.01 -13.45 -3.49
N ALA A 2 -20.02 -12.57 -4.48
CA ALA A 2 -20.52 -12.97 -5.81
C ALA A 2 -19.52 -13.94 -6.43
N MET A 3 -18.35 -14.15 -5.81
CA MET A 3 -17.38 -15.09 -6.40
C MET A 3 -17.42 -16.46 -5.80
N GLY A 4 -18.36 -16.69 -4.88
CA GLY A 4 -18.41 -17.98 -4.20
C GLY A 4 -18.65 -19.18 -5.03
N SER A 5 -19.23 -19.03 -6.22
CA SER A 5 -19.45 -20.20 -7.05
CA SER A 5 -19.43 -20.18 -7.10
C SER A 5 -18.26 -20.50 -7.99
N MET A 6 -17.26 -19.60 -8.04
CA MET A 6 -16.18 -19.81 -8.97
C MET A 6 -15.06 -20.54 -8.30
N GLU A 7 -14.49 -21.51 -8.99
CA GLU A 7 -13.30 -22.23 -8.50
C GLU A 7 -12.18 -21.27 -8.12
N ARG A 8 -11.46 -21.61 -7.06
CA ARG A 8 -10.28 -20.82 -6.69
C ARG A 8 -9.31 -20.63 -7.86
N ALA A 9 -9.01 -21.73 -8.55
CA ALA A 9 -7.96 -21.63 -9.60
C ALA A 9 -8.49 -20.73 -10.75
N SER A 10 -9.81 -20.80 -11.00
CA SER A 10 -10.40 -19.94 -12.06
C SER A 10 -10.31 -18.46 -11.67
N LEU A 11 -10.57 -18.15 -10.39
CA LEU A 11 -10.48 -16.75 -9.91
C LEU A 11 -9.05 -16.25 -10.10
N ILE A 12 -8.04 -17.09 -9.79
CA ILE A 12 -6.64 -16.73 -9.97
CA ILE A 12 -6.68 -16.64 -9.98
C ILE A 12 -6.34 -16.51 -11.45
N GLN A 13 -6.80 -17.45 -12.28
CA GLN A 13 -6.61 -17.34 -13.74
CA GLN A 13 -6.61 -17.33 -13.73
C GLN A 13 -7.20 -16.04 -14.25
N LYS A 14 -8.46 -15.75 -13.82
CA LYS A 14 -9.12 -14.47 -14.27
C LYS A 14 -8.46 -13.21 -13.72
N ALA A 15 -7.91 -13.29 -12.51
CA ALA A 15 -7.19 -12.14 -11.97
C ALA A 15 -6.00 -11.83 -12.88
N LYS A 16 -5.28 -12.88 -13.34
CA LYS A 16 -4.16 -12.63 -14.23
C LYS A 16 -4.61 -12.05 -15.58
N LEU A 17 -5.77 -12.49 -16.07
CA LEU A 17 -6.29 -12.00 -17.35
C LEU A 17 -6.69 -10.53 -17.14
N ALA A 18 -7.30 -10.23 -15.99
CA ALA A 18 -7.75 -8.86 -15.69
C ALA A 18 -6.50 -7.97 -15.59
N GLU A 19 -5.40 -8.47 -14.98
CA GLU A 19 -4.14 -7.73 -14.94
CA GLU A 19 -4.20 -7.66 -14.96
C GLU A 19 -3.70 -7.34 -16.38
N GLN A 20 -3.74 -8.32 -17.29
CA GLN A 20 -3.22 -8.10 -18.62
C GLN A 20 -4.09 -7.10 -19.36
N ALA A 21 -5.37 -7.13 -19.03
CA ALA A 21 -6.35 -6.19 -19.61
C ALA A 21 -6.43 -4.84 -18.86
N GLU A 22 -5.59 -4.66 -17.84
CA GLU A 22 -5.65 -3.50 -16.94
CA GLU A 22 -5.66 -3.46 -17.00
C GLU A 22 -7.08 -3.22 -16.42
N ARG A 23 -7.78 -4.31 -16.10
CA ARG A 23 -9.12 -4.21 -15.52
C ARG A 23 -8.92 -4.46 -14.01
N TYR A 24 -8.45 -3.43 -13.31
CA TYR A 24 -8.02 -3.66 -11.92
C TYR A 24 -9.17 -3.88 -10.98
N GLU A 25 -10.32 -3.25 -11.24
CA GLU A 25 -11.45 -3.52 -10.35
CA GLU A 25 -11.48 -3.50 -10.38
C GLU A 25 -11.87 -4.98 -10.45
N ASP A 26 -11.92 -5.53 -11.65
CA ASP A 26 -12.24 -6.96 -11.79
C ASP A 26 -11.15 -7.79 -11.13
N MET A 27 -9.91 -7.39 -11.35
CA MET A 27 -8.79 -8.16 -10.81
C MET A 27 -8.95 -8.22 -9.28
N ALA A 28 -9.32 -7.07 -8.68
CA ALA A 28 -9.45 -7.01 -7.19
C ALA A 28 -10.61 -7.88 -6.74
N ALA A 29 -11.72 -7.88 -7.47
CA ALA A 29 -12.86 -8.70 -7.06
C ALA A 29 -12.53 -10.17 -7.20
N PHE A 30 -11.78 -10.53 -8.26
CA PHE A 30 -11.39 -11.96 -8.41
C PHE A 30 -10.48 -12.34 -7.25
N MET A 31 -9.51 -11.47 -6.96
CA MET A 31 -8.61 -11.83 -5.82
C MET A 31 -9.30 -11.84 -4.47
N LYS A 32 -10.27 -10.93 -4.24
CA LYS A 32 -11.07 -11.03 -3.03
C LYS A 32 -11.79 -12.38 -2.97
N GLY A 33 -12.41 -12.79 -4.09
CA GLY A 33 -13.03 -14.12 -4.07
C GLY A 33 -12.04 -15.21 -3.76
N ALA A 34 -10.81 -15.13 -4.34
CA ALA A 34 -9.80 -16.15 -4.06
C ALA A 34 -9.45 -16.17 -2.56
N VAL A 35 -9.28 -15.01 -1.95
CA VAL A 35 -8.92 -14.96 -0.54
C VAL A 35 -10.07 -15.57 0.27
N GLU A 36 -11.31 -15.31 -0.12
CA GLU A 36 -12.45 -15.79 0.61
C GLU A 36 -12.65 -17.28 0.53
N LYS A 37 -11.88 -17.95 -0.34
CA LYS A 37 -11.90 -19.41 -0.34
C LYS A 37 -11.31 -20.02 0.94
N GLY A 38 -10.51 -19.20 1.68
CA GLY A 38 -10.08 -19.54 3.02
C GLY A 38 -8.67 -20.19 3.05
N GLU A 39 -8.10 -20.48 1.89
CA GLU A 39 -6.76 -21.04 1.82
CA GLU A 39 -6.74 -21.03 1.80
C GLU A 39 -5.71 -19.90 1.81
N GLU A 40 -4.53 -20.17 2.33
CA GLU A 40 -3.46 -19.17 2.30
C GLU A 40 -3.16 -18.86 0.82
N LEU A 41 -2.58 -17.70 0.58
CA LEU A 41 -2.18 -17.34 -0.80
C LEU A 41 -0.69 -17.65 -0.94
N SER A 42 -0.29 -18.05 -2.14
CA SER A 42 1.10 -18.16 -2.52
C SER A 42 1.75 -16.80 -2.75
N ASN A 43 3.07 -16.78 -2.88
CA ASN A 43 3.74 -15.53 -3.19
CA ASN A 43 3.77 -15.54 -3.24
C ASN A 43 3.15 -14.81 -4.42
N GLU A 44 2.98 -15.55 -5.51
CA GLU A 44 2.51 -14.94 -6.76
CA GLU A 44 2.46 -14.97 -6.76
C GLU A 44 1.06 -14.38 -6.50
N GLU A 45 0.26 -15.12 -5.75
CA GLU A 45 -1.14 -14.74 -5.48
C GLU A 45 -1.17 -13.47 -4.60
N ARG A 46 -0.24 -13.39 -3.65
CA ARG A 46 -0.19 -12.19 -2.79
C ARG A 46 0.12 -11.00 -3.67
N ASN A 47 1.08 -11.16 -4.58
CA ASN A 47 1.38 -10.05 -5.51
C ASN A 47 0.18 -9.67 -6.33
N LEU A 48 -0.61 -10.66 -6.80
CA LEU A 48 -1.83 -10.28 -7.59
C LEU A 48 -2.81 -9.49 -6.70
N LEU A 49 -3.01 -9.93 -5.46
CA LEU A 49 -3.92 -9.27 -4.58
C LEU A 49 -3.48 -7.80 -4.41
N SER A 50 -2.17 -7.61 -4.11
CA SER A 50 -1.74 -6.28 -3.78
CA SER A 50 -1.68 -6.29 -3.79
C SER A 50 -1.76 -5.40 -5.01
N VAL A 51 -1.36 -5.94 -6.17
CA VAL A 51 -1.40 -5.10 -7.39
C VAL A 51 -2.82 -4.63 -7.71
N ALA A 52 -3.77 -5.53 -7.50
CA ALA A 52 -5.16 -5.22 -7.92
C ALA A 52 -5.63 -4.04 -7.06
N TYR A 53 -5.55 -4.19 -5.75
CA TYR A 53 -6.05 -3.13 -4.88
C TYR A 53 -5.22 -1.89 -4.95
N LYS A 54 -3.92 -2.00 -5.14
CA LYS A 54 -3.09 -0.80 -5.18
CA LYS A 54 -3.04 -0.81 -5.23
CA LYS A 54 -3.06 -0.81 -5.23
C LYS A 54 -3.49 0.04 -6.39
N ASN A 55 -3.79 -0.60 -7.53
CA ASN A 55 -4.25 0.14 -8.64
C ASN A 55 -5.65 0.76 -8.46
N VAL A 56 -6.59 0.02 -7.88
CA VAL A 56 -7.94 0.55 -7.67
C VAL A 56 -7.84 1.74 -6.74
N VAL A 57 -7.17 1.60 -5.59
CA VAL A 57 -7.16 2.67 -4.64
CA VAL A 57 -7.16 2.71 -4.65
C VAL A 57 -6.28 3.80 -5.19
N GLY A 58 -5.29 3.46 -6.01
CA GLY A 58 -4.44 4.50 -6.53
C GLY A 58 -5.25 5.47 -7.39
N GLY A 59 -6.15 4.91 -8.23
CA GLY A 59 -6.98 5.72 -9.08
C GLY A 59 -7.95 6.59 -8.22
N GLN A 60 -8.49 5.98 -7.18
CA GLN A 60 -9.42 6.76 -6.30
C GLN A 60 -8.64 7.85 -5.59
N ARG A 61 -7.41 7.55 -5.12
CA ARG A 61 -6.65 8.60 -4.37
C ARG A 61 -6.29 9.74 -5.32
N ALA A 62 -5.85 9.41 -6.53
CA ALA A 62 -5.51 10.47 -7.48
C ALA A 62 -6.72 11.34 -7.77
N ALA A 63 -7.88 10.70 -7.92
CA ALA A 63 -9.11 11.48 -8.12
C ALA A 63 -9.43 12.34 -6.90
N TRP A 64 -9.35 11.74 -5.72
CA TRP A 64 -9.62 12.49 -4.48
C TRP A 64 -8.68 13.70 -4.40
N ARG A 65 -7.43 13.54 -4.77
CA ARG A 65 -6.54 14.70 -4.67
C ARG A 65 -6.92 15.82 -5.64
N VAL A 66 -7.33 15.47 -6.85
CA VAL A 66 -7.80 16.44 -7.80
C VAL A 66 -8.99 17.19 -7.20
N LEU A 67 -9.95 16.44 -6.65
CA LEU A 67 -11.20 17.11 -6.14
C LEU A 67 -10.92 17.89 -4.85
N SER A 68 -10.07 17.35 -3.98
CA SER A 68 -9.64 18.11 -2.77
CA SER A 68 -9.64 18.13 -2.81
C SER A 68 -8.97 19.45 -3.13
N SER A 69 -8.13 19.45 -4.15
CA SER A 69 -7.46 20.69 -4.62
CA SER A 69 -7.47 20.70 -4.58
C SER A 69 -8.48 21.72 -5.05
N ILE A 70 -9.47 21.27 -5.83
CA ILE A 70 -10.53 22.14 -6.34
CA ILE A 70 -10.50 22.17 -6.32
C ILE A 70 -11.28 22.71 -5.13
N GLU A 71 -11.60 21.81 -4.20
CA GLU A 71 -12.34 22.19 -3.03
C GLU A 71 -11.58 23.25 -2.24
N GLN A 72 -10.28 23.03 -2.08
CA GLN A 72 -9.45 23.97 -1.29
C GLN A 72 -9.40 25.32 -1.94
N LYS A 73 -9.23 25.37 -3.26
CA LYS A 73 -9.31 26.67 -4.00
C LYS A 73 -10.70 27.35 -3.84
N SER A 74 -11.77 26.58 -3.85
CA SER A 74 -13.13 27.17 -3.70
C SER A 74 -13.33 27.79 -2.31
N ASN A 75 -12.48 27.39 -1.35
CA ASN A 75 -12.53 27.91 0.00
C ASN A 75 -11.57 29.12 0.25
N GLU A 76 -10.83 29.56 -0.78
CA GLU A 76 -9.90 30.67 -0.60
C GLU A 76 -10.62 32.03 -0.64
N GLU A 77 -9.99 33.06 -0.08
CA GLU A 77 -10.53 34.43 -0.15
C GLU A 77 -10.69 34.90 -1.63
N GLY A 78 -11.88 35.42 -1.96
CA GLY A 78 -12.16 35.91 -3.31
C GLY A 78 -12.72 34.86 -4.26
N SER A 79 -12.79 33.60 -3.80
CA SER A 79 -13.36 32.51 -4.65
C SER A 79 -14.89 32.58 -4.69
N GLU A 80 -15.47 32.45 -5.89
CA GLU A 80 -16.91 32.53 -6.04
C GLU A 80 -17.59 31.30 -5.43
N GLU A 81 -18.64 31.53 -4.63
CA GLU A 81 -19.47 30.44 -4.08
C GLU A 81 -20.13 29.61 -5.19
N LYS A 82 -19.82 28.32 -5.24
CA LYS A 82 -20.38 27.47 -6.29
C LYS A 82 -21.29 26.40 -5.78
N GLY A 83 -21.58 26.46 -4.48
CA GLY A 83 -22.51 25.53 -3.86
C GLY A 83 -21.81 24.28 -3.38
N PRO A 84 -22.60 23.27 -3.05
CA PRO A 84 -22.10 22.14 -2.37
C PRO A 84 -21.51 21.08 -3.28
N GLU A 85 -21.50 21.26 -4.62
CA GLU A 85 -21.23 20.10 -5.46
C GLU A 85 -19.79 19.58 -5.33
N VAL A 86 -18.81 20.48 -5.26
CA VAL A 86 -17.42 20.05 -5.12
C VAL A 86 -17.26 19.21 -3.87
N ARG A 87 -17.79 19.70 -2.75
CA ARG A 87 -17.63 18.97 -1.48
C ARG A 87 -18.39 17.65 -1.59
N GLU A 88 -19.57 17.65 -2.21
CA GLU A 88 -20.38 16.42 -2.33
C GLU A 88 -19.64 15.41 -3.15
N TYR A 89 -19.05 15.85 -4.26
CA TYR A 89 -18.44 14.84 -5.11
C TYR A 89 -17.09 14.34 -4.52
N ARG A 90 -16.34 15.24 -3.84
CA ARG A 90 -15.13 14.83 -3.14
C ARG A 90 -15.55 13.77 -2.07
N GLU A 91 -16.62 14.05 -1.34
CA GLU A 91 -17.13 13.10 -0.35
CA GLU A 91 -17.13 13.08 -0.36
C GLU A 91 -17.52 11.74 -0.95
N LYS A 92 -18.15 11.77 -2.14
CA LYS A 92 -18.56 10.54 -2.83
CA LYS A 92 -18.55 10.54 -2.80
C LYS A 92 -17.31 9.69 -3.09
N VAL A 93 -16.29 10.32 -3.71
CA VAL A 93 -15.05 9.62 -4.04
C VAL A 93 -14.39 9.16 -2.75
N GLU A 94 -14.39 10.02 -1.72
CA GLU A 94 -13.76 9.68 -0.45
C GLU A 94 -14.40 8.45 0.18
N THR A 95 -15.71 8.40 0.14
CA THR A 95 -16.45 7.29 0.75
CA THR A 95 -16.41 7.27 0.78
C THR A 95 -16.14 5.99 0.00
N GLU A 96 -16.06 6.07 -1.33
CA GLU A 96 -15.75 4.85 -2.09
CA GLU A 96 -15.74 4.90 -2.15
C GLU A 96 -14.34 4.41 -1.81
N LEU A 97 -13.41 5.37 -1.69
CA LEU A 97 -12.04 5.06 -1.38
CA LEU A 97 -12.04 5.08 -1.38
C LEU A 97 -11.98 4.40 0.00
N GLN A 98 -12.69 5.00 0.96
CA GLN A 98 -12.72 4.38 2.34
C GLN A 98 -13.25 2.96 2.30
N GLY A 99 -14.25 2.73 1.48
CA GLY A 99 -14.85 1.42 1.36
C GLY A 99 -13.88 0.40 0.80
N VAL A 100 -13.04 0.79 -0.15
CA VAL A 100 -12.05 -0.12 -0.67
C VAL A 100 -11.02 -0.39 0.42
N CYS A 101 -10.58 0.65 1.11
CA CYS A 101 -9.61 0.41 2.21
C CYS A 101 -10.21 -0.53 3.26
N ASP A 102 -11.48 -0.35 3.59
CA ASP A 102 -12.11 -1.22 4.59
C ASP A 102 -12.21 -2.63 4.09
N THR A 103 -12.41 -2.80 2.78
CA THR A 103 -12.53 -4.15 2.20
C THR A 103 -11.16 -4.86 2.33
N VAL A 104 -10.08 -4.13 2.02
CA VAL A 104 -8.76 -4.77 2.04
C VAL A 104 -8.41 -5.06 3.49
N LEU A 105 -8.64 -4.09 4.38
CA LEU A 105 -8.34 -4.29 5.80
C LEU A 105 -9.15 -5.46 6.36
N GLY A 106 -10.39 -5.59 5.91
CA GLY A 106 -11.16 -6.79 6.33
C GLY A 106 -10.64 -8.12 5.81
N LEU A 107 -10.12 -8.14 4.57
CA LEU A 107 -9.51 -9.40 4.09
C LEU A 107 -8.29 -9.71 4.95
N LEU A 108 -7.49 -8.69 5.23
CA LEU A 108 -6.28 -8.92 6.03
C LEU A 108 -6.67 -9.42 7.39
N ASP A 109 -7.71 -8.84 7.97
CA ASP A 109 -8.17 -9.31 9.31
C ASP A 109 -8.96 -10.61 9.35
N SER A 110 -9.50 -11.02 8.23
CA SER A 110 -10.34 -12.21 8.14
C SER A 110 -10.01 -13.04 6.84
N HIS A 111 -8.93 -13.83 6.83
CA HIS A 111 -8.05 -14.15 7.95
C HIS A 111 -6.60 -14.26 7.49
N LEU A 112 -6.20 -13.38 6.58
CA LEU A 112 -4.86 -13.48 6.03
C LEU A 112 -3.73 -13.33 7.01
N ILE A 113 -3.80 -12.29 7.82
CA ILE A 113 -2.68 -12.02 8.76
C ILE A 113 -2.60 -13.12 9.79
N LYS A 114 -3.73 -13.52 10.35
CA LYS A 114 -3.63 -14.55 11.42
C LYS A 114 -3.06 -15.92 10.95
N GLU A 115 -3.29 -16.28 9.67
CA GLU A 115 -2.74 -17.55 9.22
CA GLU A 115 -2.81 -17.54 9.10
C GLU A 115 -1.35 -17.45 8.58
N ALA A 116 -0.83 -16.23 8.47
CA ALA A 116 0.50 -15.97 7.82
C ALA A 116 1.66 -16.11 8.82
N GLY A 117 2.42 -17.17 8.64
CA GLY A 117 3.44 -17.56 9.60
C GLY A 117 4.83 -17.33 9.05
N ASP A 118 5.04 -17.47 7.76
CA ASP A 118 6.34 -17.17 7.17
C ASP A 118 6.58 -15.68 7.07
N ALA A 119 7.84 -15.24 7.25
CA ALA A 119 8.07 -13.81 7.22
C ALA A 119 7.62 -13.13 5.93
N GLU A 120 7.86 -13.78 4.78
CA GLU A 120 7.51 -13.19 3.48
CA GLU A 120 7.53 -13.16 3.47
C GLU A 120 6.04 -12.89 3.41
N SER A 121 5.22 -13.78 3.96
CA SER A 121 3.78 -13.48 3.89
C SER A 121 3.38 -12.49 5.00
N ARG A 122 3.88 -12.70 6.21
CA ARG A 122 3.46 -11.87 7.34
CA ARG A 122 3.41 -11.86 7.32
C ARG A 122 3.82 -10.42 7.10
N VAL A 123 5.05 -10.19 6.67
CA VAL A 123 5.52 -8.80 6.46
C VAL A 123 4.72 -8.17 5.30
N PHE A 124 4.52 -8.92 4.23
CA PHE A 124 3.73 -8.46 3.12
CA PHE A 124 3.70 -8.49 3.11
C PHE A 124 2.35 -7.96 3.59
N TYR A 125 1.63 -8.81 4.37
CA TYR A 125 0.29 -8.45 4.73
C TYR A 125 0.28 -7.28 5.70
N LEU A 126 1.29 -7.24 6.58
CA LEU A 126 1.35 -6.14 7.54
C LEU A 126 1.69 -4.84 6.82
N LYS A 127 2.55 -4.90 5.78
CA LYS A 127 2.78 -3.72 4.97
C LYS A 127 1.44 -3.27 4.33
N MET A 128 0.68 -4.23 3.74
CA MET A 128 -0.60 -3.82 3.18
C MET A 128 -1.47 -3.19 4.24
N LYS A 129 -1.48 -3.75 5.46
CA LYS A 129 -2.34 -3.20 6.49
C LYS A 129 -1.92 -1.71 6.77
N GLY A 130 -0.59 -1.47 6.87
CA GLY A 130 -0.01 -0.14 7.02
C GLY A 130 -0.47 0.75 5.87
N ASP A 131 -0.37 0.24 4.64
CA ASP A 131 -0.69 1.07 3.43
C ASP A 131 -2.15 1.49 3.46
N TYR A 132 -3.06 0.56 3.75
CA TYR A 132 -4.51 0.89 3.63
C TYR A 132 -4.92 1.77 4.80
N TYR A 133 -4.34 1.58 5.99
CA TYR A 133 -4.61 2.58 7.03
C TYR A 133 -4.00 3.95 6.63
N ARG A 134 -2.83 3.95 5.99
CA ARG A 134 -2.23 5.22 5.57
C ARG A 134 -3.17 5.92 4.56
N TYR A 135 -3.73 5.15 3.61
CA TYR A 135 -4.68 5.77 2.71
C TYR A 135 -5.93 6.33 3.41
N LEU A 136 -6.43 5.61 4.42
CA LEU A 136 -7.49 6.17 5.29
C LEU A 136 -7.01 7.47 5.96
N ALA A 137 -5.75 7.47 6.41
CA ALA A 137 -5.22 8.68 7.11
C ALA A 137 -5.14 9.86 6.13
N GLU A 138 -4.86 9.60 4.85
CA GLU A 138 -4.75 10.70 3.88
C GLU A 138 -6.00 11.53 3.75
N VAL A 139 -7.17 10.91 3.95
CA VAL A 139 -8.45 11.60 3.88
C VAL A 139 -9.15 11.86 5.22
N ALA A 140 -8.58 11.36 6.31
CA ALA A 140 -9.18 11.51 7.64
C ALA A 140 -8.99 12.93 8.17
N THR A 141 -10.04 13.47 8.77
CA THR A 141 -10.07 14.87 9.23
C THR A 141 -10.77 14.97 10.55
N GLY A 142 -11.39 13.85 11.00
CA GLY A 142 -12.20 13.84 12.25
C GLY A 142 -11.55 13.30 13.54
N ASP A 143 -12.43 12.95 14.48
CA ASP A 143 -12.11 12.41 15.84
C ASP A 143 -11.14 11.22 15.80
N ASP A 144 -11.16 10.54 14.67
CA ASP A 144 -10.52 9.27 14.47
C ASP A 144 -9.15 9.31 13.80
N LYS A 145 -8.73 10.49 13.31
CA LYS A 145 -7.51 10.62 12.54
CA LYS A 145 -7.51 10.56 12.52
C LYS A 145 -6.30 10.06 13.31
N LYS A 146 -6.15 10.45 14.56
CA LYS A 146 -4.99 9.95 15.32
CA LYS A 146 -4.99 9.95 15.34
C LYS A 146 -4.95 8.43 15.45
N ARG A 147 -6.12 7.83 15.70
CA ARG A 147 -6.16 6.37 15.86
CA ARG A 147 -6.26 6.38 15.85
C ARG A 147 -5.88 5.68 14.55
N ILE A 148 -6.38 6.22 13.43
CA ILE A 148 -6.05 5.69 12.09
C ILE A 148 -4.54 5.77 11.83
N ILE A 149 -3.93 6.92 12.11
CA ILE A 149 -2.48 7.08 11.97
C ILE A 149 -1.75 6.06 12.83
N ASP A 150 -2.21 5.88 14.05
CA ASP A 150 -1.52 4.94 14.91
C ASP A 150 -1.68 3.49 14.42
N SER A 151 -2.84 3.18 13.84
CA SER A 151 -3.05 1.86 13.26
C SER A 151 -2.06 1.61 12.13
N ALA A 152 -1.88 2.62 11.26
CA ALA A 152 -0.89 2.48 10.18
C ALA A 152 0.50 2.30 10.79
N ARG A 153 0.87 3.15 11.74
CA ARG A 153 2.17 3.07 12.37
CA ARG A 153 2.19 3.06 12.36
C ARG A 153 2.41 1.69 12.96
N SER A 154 1.43 1.19 13.72
CA SER A 154 1.57 -0.11 14.43
CA SER A 154 1.61 -0.09 14.42
C SER A 154 1.79 -1.25 13.44
N ALA A 155 1.00 -1.25 12.35
CA ALA A 155 1.15 -2.31 11.35
C ALA A 155 2.53 -2.22 10.70
N TYR A 156 2.93 -1.00 10.27
CA TYR A 156 4.26 -0.86 9.66
C TYR A 156 5.38 -1.30 10.59
N GLN A 157 5.24 -0.90 11.86
CA GLN A 157 6.26 -1.18 12.88
C GLN A 157 6.41 -2.68 13.05
N GLU A 158 5.29 -3.39 13.18
CA GLU A 158 5.40 -4.85 13.36
CA GLU A 158 5.33 -4.87 13.32
C GLU A 158 6.03 -5.49 12.11
N ALA A 159 5.66 -4.98 10.92
CA ALA A 159 6.26 -5.48 9.69
C ALA A 159 7.78 -5.23 9.71
N MET A 160 8.20 -4.03 10.14
CA MET A 160 9.58 -3.66 10.15
C MET A 160 10.32 -4.57 11.12
N ASP A 161 9.71 -4.83 12.30
CA ASP A 161 10.43 -5.67 13.30
C ASP A 161 10.69 -7.04 12.73
N ILE A 162 9.66 -7.63 12.07
CA ILE A 162 9.80 -9.01 11.56
C ILE A 162 10.81 -9.00 10.38
N SER A 163 10.71 -7.99 9.49
CA SER A 163 11.56 -7.95 8.29
C SER A 163 13.00 -7.79 8.70
N LYS A 164 13.28 -6.99 9.73
CA LYS A 164 14.67 -6.86 10.15
CA LYS A 164 14.67 -6.84 10.21
C LYS A 164 15.23 -8.15 10.74
N LYS A 165 14.41 -8.89 11.45
CA LYS A 165 14.86 -10.13 12.06
CA LYS A 165 14.82 -10.14 12.07
C LYS A 165 14.97 -11.28 11.04
N GLU A 166 14.08 -11.29 10.04
CA GLU A 166 13.90 -12.46 9.20
C GLU A 166 14.26 -12.36 7.73
N MET A 167 14.57 -11.18 7.25
CA MET A 167 14.75 -10.97 5.80
CA MET A 167 14.75 -11.02 5.82
C MET A 167 16.03 -10.22 5.59
N PRO A 168 16.71 -10.51 4.46
CA PRO A 168 17.94 -9.77 4.18
C PRO A 168 17.60 -8.33 3.86
N PRO A 169 18.58 -7.42 4.01
CA PRO A 169 18.27 -6.01 3.80
C PRO A 169 17.93 -5.66 2.36
N THR A 170 18.22 -6.57 1.42
CA THR A 170 17.88 -6.36 0.01
CA THR A 170 17.90 -6.34 0.03
C THR A 170 16.56 -6.96 -0.39
N HIS A 171 15.90 -7.66 0.53
CA HIS A 171 14.68 -8.31 0.12
C HIS A 171 13.66 -7.28 -0.41
N PRO A 172 13.07 -7.51 -1.59
CA PRO A 172 12.22 -6.46 -2.10
C PRO A 172 11.03 -6.10 -1.19
N ILE A 173 10.54 -7.06 -0.40
CA ILE A 173 9.39 -6.73 0.47
C ILE A 173 9.91 -5.81 1.56
N ARG A 174 11.07 -6.14 2.13
CA ARG A 174 11.73 -5.31 3.11
CA ARG A 174 11.65 -5.29 3.16
C ARG A 174 11.93 -3.88 2.62
N LEU A 175 12.48 -3.77 1.41
CA LEU A 175 12.75 -2.47 0.83
C LEU A 175 11.44 -1.70 0.55
N GLY A 176 10.42 -2.35 0.02
CA GLY A 176 9.15 -1.65 -0.24
C GLY A 176 8.46 -1.22 1.03
N LEU A 177 8.50 -2.05 2.05
CA LEU A 177 7.93 -1.67 3.32
C LEU A 177 8.64 -0.43 3.86
N ALA A 178 9.95 -0.41 3.76
CA ALA A 178 10.68 0.72 4.31
C ALA A 178 10.40 1.97 3.51
N LEU A 179 10.34 1.83 2.18
CA LEU A 179 9.95 2.98 1.34
C LEU A 179 8.63 3.57 1.80
N ASN A 180 7.61 2.74 2.04
CA ASN A 180 6.25 3.26 2.34
C ASN A 180 6.19 3.73 3.76
N PHE A 181 6.90 3.05 4.69
CA PHE A 181 6.86 3.53 6.08
C PHE A 181 7.58 4.90 6.09
N SER A 182 8.61 5.06 5.27
CA SER A 182 9.29 6.38 5.21
C SER A 182 8.33 7.45 4.68
N VAL A 183 7.58 7.10 3.65
CA VAL A 183 6.54 8.07 3.12
C VAL A 183 5.49 8.38 4.22
N PHE A 184 5.06 7.36 4.97
CA PHE A 184 4.18 7.55 6.11
C PHE A 184 4.79 8.57 7.08
N HIS A 185 6.06 8.40 7.44
CA HIS A 185 6.66 9.38 8.34
C HIS A 185 6.67 10.77 7.75
N TYR A 186 7.01 10.86 6.47
CA TYR A 186 7.17 12.20 5.88
C TYR A 186 5.83 12.94 5.79
N GLU A 187 4.80 12.24 5.38
CA GLU A 187 3.60 13.00 5.00
C GLU A 187 2.35 12.79 5.81
N ILE A 188 2.35 11.76 6.64
CA ILE A 188 1.25 11.48 7.52
C ILE A 188 1.59 11.85 8.94
N ALA A 189 2.77 11.44 9.42
CA ALA A 189 3.15 11.59 10.81
C ALA A 189 3.95 12.84 11.03
N ASN A 190 4.15 13.68 10.01
CA ASN A 190 4.85 14.96 10.23
C ASN A 190 6.24 14.72 10.81
N SER A 191 6.96 13.74 10.27
CA SER A 191 8.26 13.37 10.83
C SER A 191 9.24 13.23 9.67
N PRO A 192 9.53 14.34 8.95
CA PRO A 192 10.40 14.21 7.77
C PRO A 192 11.82 13.74 8.13
N GLU A 193 12.31 14.08 9.32
CA GLU A 193 13.64 13.56 9.70
C GLU A 193 13.62 12.08 9.79
N GLU A 194 12.58 11.53 10.40
CA GLU A 194 12.50 10.07 10.55
C GLU A 194 12.34 9.46 9.15
N ALA A 195 11.56 10.11 8.28
CA ALA A 195 11.37 9.55 6.92
C ALA A 195 12.72 9.48 6.22
N ILE A 196 13.51 10.54 6.34
CA ILE A 196 14.80 10.62 5.62
C ILE A 196 15.75 9.63 6.23
N SER A 197 15.81 9.55 7.57
CA SER A 197 16.69 8.56 8.24
CA SER A 197 16.69 8.57 8.25
C SER A 197 16.37 7.14 7.84
N LEU A 198 15.10 6.82 7.78
CA LEU A 198 14.72 5.49 7.42
C LEU A 198 15.09 5.20 5.94
N ALA A 199 14.80 6.13 5.05
CA ALA A 199 15.13 5.86 3.63
C ALA A 199 16.67 5.66 3.44
N LYS A 200 17.46 6.51 4.10
CA LYS A 200 18.95 6.50 4.04
CA LYS A 200 18.92 6.45 3.94
C LYS A 200 19.51 5.17 4.53
N THR A 201 19.11 4.84 5.74
CA THR A 201 19.60 3.62 6.37
CA THR A 201 19.63 3.62 6.36
C THR A 201 19.21 2.38 5.56
N THR A 202 17.96 2.38 5.11
CA THR A 202 17.49 1.30 4.27
C THR A 202 18.34 1.16 3.03
N PHE A 203 18.55 2.28 2.36
CA PHE A 203 19.27 2.26 1.11
C PHE A 203 20.70 1.78 1.37
N ASP A 204 21.31 2.34 2.41
CA ASP A 204 22.73 2.02 2.68
C ASP A 204 22.95 0.56 3.04
N GLU A 205 22.04 -0.01 3.82
CA GLU A 205 22.17 -1.40 4.22
C GLU A 205 21.92 -2.35 3.04
N ALA A 206 21.02 -1.96 2.14
CA ALA A 206 20.78 -2.73 0.96
C ALA A 206 22.02 -2.67 0.09
N MET A 207 22.61 -1.47 -0.09
CA MET A 207 23.83 -1.36 -0.93
C MET A 207 24.93 -2.34 -0.47
N ALA A 208 25.09 -2.49 0.85
CA ALA A 208 26.17 -3.27 1.40
C ALA A 208 25.94 -4.80 1.24
N ASP A 209 24.69 -5.19 0.93
CA ASP A 209 24.24 -6.57 0.78
CA ASP A 209 24.42 -6.61 0.79
C ASP A 209 24.13 -7.00 -0.68
N LEU A 210 24.22 -6.03 -1.60
CA LEU A 210 24.06 -6.36 -2.99
C LEU A 210 25.05 -7.44 -3.45
N HIS A 211 26.24 -7.48 -2.86
CA HIS A 211 27.27 -8.43 -3.32
C HIS A 211 26.87 -9.90 -3.16
N THR A 212 25.83 -10.18 -2.38
CA THR A 212 25.41 -11.53 -2.09
C THR A 212 24.45 -12.02 -3.17
N LEU A 213 24.03 -11.11 -4.05
CA LEU A 213 22.90 -11.43 -4.94
C LEU A 213 23.31 -11.90 -6.31
N SER A 214 22.48 -12.74 -6.88
CA SER A 214 22.54 -13.09 -8.30
C SER A 214 22.18 -11.88 -9.19
N GLU A 215 22.58 -11.92 -10.46
CA GLU A 215 22.24 -10.81 -11.39
C GLU A 215 20.73 -10.45 -11.30
N ASP A 216 19.85 -11.44 -11.29
CA ASP A 216 18.36 -11.17 -11.21
C ASP A 216 17.91 -10.54 -9.89
N SER A 217 18.39 -11.06 -8.75
CA SER A 217 18.09 -10.41 -7.46
C SER A 217 18.62 -8.98 -7.43
N TYR A 218 19.86 -8.80 -7.90
CA TYR A 218 20.50 -7.49 -7.93
CA TYR A 218 20.49 -7.49 -7.93
C TYR A 218 19.59 -6.50 -8.63
N LYS A 219 19.10 -6.87 -9.83
CA LYS A 219 18.16 -6.01 -10.56
C LYS A 219 16.91 -5.73 -9.70
N ASP A 220 16.26 -6.74 -9.07
CA ASP A 220 15.06 -6.24 -8.44
C ASP A 220 15.17 -5.56 -7.12
N SER A 221 16.33 -5.73 -6.45
CA SER A 221 16.51 -4.98 -5.21
C SER A 221 16.77 -3.50 -5.66
N THR A 222 17.70 -3.35 -6.65
CA THR A 222 18.12 -2.01 -7.09
C THR A 222 16.92 -1.17 -7.60
N LEU A 223 15.89 -1.81 -8.10
CA LEU A 223 14.68 -1.03 -8.52
C LEU A 223 13.93 -0.20 -7.41
N ILE A 224 13.67 -0.89 -6.30
CA ILE A 224 13.08 -0.27 -5.13
CA ILE A 224 13.03 -0.20 -5.19
C ILE A 224 14.11 0.66 -4.54
N MET A 225 15.38 0.24 -4.62
CA MET A 225 16.44 1.11 -4.05
C MET A 225 16.40 2.45 -4.78
N GLN A 226 16.11 2.43 -6.09
CA GLN A 226 15.99 3.71 -6.83
C GLN A 226 14.83 4.57 -6.34
N LEU A 227 13.73 3.92 -5.95
CA LEU A 227 12.59 4.72 -5.42
C LEU A 227 13.01 5.36 -4.09
N LEU A 228 13.77 4.63 -3.24
CA LEU A 228 14.31 5.24 -2.00
C LEU A 228 15.18 6.45 -2.37
N ARG A 229 16.06 6.28 -3.38
CA ARG A 229 16.94 7.39 -3.76
CA ARG A 229 16.94 7.39 -3.76
C ARG A 229 16.11 8.55 -4.31
N ASP A 230 15.08 8.26 -5.09
CA ASP A 230 14.19 9.31 -5.61
C ASP A 230 13.61 10.15 -4.49
N ASN A 231 13.15 9.48 -3.44
CA ASN A 231 12.60 10.20 -2.30
C ASN A 231 13.66 10.99 -1.60
N LEU A 232 14.84 10.40 -1.37
CA LEU A 232 15.87 11.15 -0.70
C LEU A 232 16.23 12.40 -1.49
N THR A 233 16.23 12.28 -2.82
CA THR A 233 16.56 13.44 -3.65
C THR A 233 15.48 14.54 -3.54
N LEU A 234 14.22 14.10 -3.54
CA LEU A 234 13.11 15.03 -3.37
C LEU A 234 13.09 15.72 -1.98
N TRP A 235 13.47 14.98 -0.95
CA TRP A 235 13.34 15.48 0.40
C TRP A 235 14.54 16.21 0.98
N THR A 236 15.67 16.16 0.29
CA THR A 236 16.90 16.76 0.81
C THR A 236 17.51 17.75 -0.14
N LYS B 1 7.98 14.00 -9.65
CA LYS B 1 7.70 15.20 -8.79
C LYS B 1 6.94 14.82 -7.52
N ARG B 2 6.19 13.72 -7.57
CA ARG B 2 5.50 13.22 -6.39
CA ARG B 2 5.47 13.20 -6.40
C ARG B 2 6.36 12.10 -5.78
N ARG B 3 6.47 12.07 -4.45
CA ARG B 3 7.23 11.03 -3.76
C ARG B 3 6.72 9.65 -4.13
N LYS B 4 7.62 8.69 -4.07
CA LYS B 4 7.36 7.33 -4.55
C LYS B 4 6.91 6.47 -3.40
N SEP B 5 5.94 5.61 -3.68
CA SEP B 5 5.63 4.50 -2.78
CB SEP B 5 4.36 4.79 -2.00
OG SEP B 5 3.32 5.03 -2.94
C SEP B 5 5.46 3.28 -3.67
O SEP B 5 5.60 3.39 -4.90
P SEP B 5 1.79 5.09 -2.35
O1P SEP B 5 1.65 6.44 -1.51
O2P SEP B 5 0.95 5.18 -3.67
O3P SEP B 5 1.54 3.74 -1.53
N VAL B 6 5.24 2.11 -3.10
CA VAL B 6 5.21 0.89 -3.94
C VAL B 6 4.30 -0.11 -3.25
C1 FSC C . 6.14 -5.93 -6.71
C4 FSC C . 6.59 -4.83 -7.41
C11 FSC C . 7.96 -4.74 -8.01
C18 FSC C . 8.67 -3.55 -7.32
C17 FSC C . 7.81 -4.46 -9.51
O24 FSC C . 9.18 -4.72 -9.96
C31 FSC C . 9.45 -4.66 -11.26
O37 FSC C . 8.55 -4.40 -12.06
C36 FSC C . 10.91 -4.93 -11.70
C10 FSC C . 5.54 -3.73 -7.54
C6 FSC C . 4.27 -4.61 -7.35
O13 FSC C . 3.18 -3.79 -6.94
C2 FSC C . 4.69 -5.66 -6.24
C7 FSC C . 3.73 -6.94 -6.25
C5 FSC C . 4.55 -5.15 -4.93
C12 FSC C . 5.45 -4.97 -3.87
C20 FSC C . 5.10 -4.44 -2.51
C27 FSC C . 3.79 -5.15 -2.02
O32 FSC C . 3.55 -4.68 -0.67
C38 FSC C . 2.44 -5.39 -0.07
C26 FSC C . 6.40 -4.63 -1.63
C25 FSC C . 7.49 -4.34 -2.69
C19 FSC C . 6.99 -5.10 -3.94
C15 FSC C . 7.47 -6.62 -3.92
C23 FSC C . 6.41 -7.67 -3.37
C9 FSC C . 7.96 -7.05 -5.33
O16 FSC C . 8.63 -8.31 -5.25
C3 FSC C . 6.84 -7.27 -6.37
O8 FSC C . 7.43 -7.68 -7.59
C14 FSC C . 7.01 -8.99 -8.01
O22 FSC C . 5.69 -8.88 -8.62
C30 FSC C . 5.58 -7.96 -9.71
C33 FSC C . 6.57 -8.28 -10.84
O39 FSC C . 6.49 -7.20 -11.86
C28 FSC C . 8.00 -8.45 -10.26
O34 FSC C . 8.78 -9.07 -11.33
C40 FSC C . 10.05 -8.72 -11.58
O43 FSC C . 10.61 -7.89 -10.83
C42 FSC C . 10.78 -9.39 -12.78
C21 FSC C . 7.96 -9.45 -9.08
O29 FSC C . 9.25 -9.74 -8.47
C35 FSC C . 4.07 -7.95 -10.07
O41 FSC C . 3.85 -9.19 -10.74
C44 FSC C . 2.63 -9.27 -11.56
C47 FSC C . 1.35 -9.16 -10.68
C46 FSC C . 2.61 -10.60 -12.33
C45 FSC C . 2.63 -8.23 -12.52
C48 FSC C . 3.65 -8.13 -13.47
CL CL D . -15.90 -14.10 -15.61
MG MG E . 0.09 -20.52 7.76
MG MG F . -13.00 -25.96 -5.48
CA CA G . 1.22 -4.04 -5.21
#